data_5V5H
#
_entry.id   5V5H
#
_cell.length_a   101.398
_cell.length_b   33.599
_cell.length_c   71.248
_cell.angle_alpha   90.00
_cell.angle_beta   96.51
_cell.angle_gamma   90.00
#
_symmetry.space_group_name_H-M   'C 1 2 1'
#
loop_
_entity.id
_entity.type
_entity.pdbx_description
1 polymer 'RNA-directed RNA polymerase L'
2 polymer 'Ubiquitin variant CC.2'
3 non-polymer 'SODIUM ION'
4 non-polymer 'ZINC ION'
5 non-polymer '4-(2-HYDROXYETHYL)-1-PIPERAZINE ETHANESULFONIC ACID'
6 water water
#
loop_
_entity_poly.entity_id
_entity_poly.type
_entity_poly.pdbx_seq_one_letter_code
_entity_poly.pdbx_strand_id
1 'polypeptide(L)'
;GPLGSMDFLRSLDWTQVIAGQYVSNPRFNISDYFEIVRQPGDGN(CSD)FYHSIAELTMPNKTDHSYHYIKRLTESAARK
YYQEEPEARLVGLSLEDYLKRMLSDNEWGSTLEASMLAKEMGITIIIWTVAASDEVEAGIKFGDGDVFTAVNLLHSGQTH
FDALRILPQFETDTREAL
;
A
2 'polypeptide(L)'
;MAHHHHHHVTSLYKKAGSTDYKDDDDKMQIFVKTLTGKTITLEVEPSDTIENVKAKIQDKEGIPPDQQRLIFAGKQLEDG
RTLSDYNIRKQSNLYLLWRLGGWKK
;
B
#
loop_
_chem_comp.id
_chem_comp.type
_chem_comp.name
_chem_comp.formula
EPE non-polymer '4-(2-HYDROXYETHYL)-1-PIPERAZINE ETHANESULFONIC ACID' 'C8 H18 N2 O4 S'
NA non-polymer 'SODIUM ION' 'Na 1'
ZN non-polymer 'ZINC ION' 'Zn 2'
#
# COMPACT_ATOMS: atom_id res chain seq x y z
N SER A 5 -22.20 -12.30 -11.60
CA SER A 5 -20.73 -12.19 -11.39
C SER A 5 -20.09 -11.29 -12.43
N MET A 6 -20.81 -11.07 -13.55
CA MET A 6 -20.24 -10.29 -14.63
C MET A 6 -20.10 -8.80 -14.27
N ASP A 7 -20.88 -8.29 -13.31
CA ASP A 7 -20.78 -6.88 -12.92
C ASP A 7 -20.06 -6.69 -11.59
N PHE A 8 -19.39 -7.73 -11.09
CA PHE A 8 -18.75 -7.68 -9.78
C PHE A 8 -17.85 -6.47 -9.59
N LEU A 9 -17.06 -6.12 -10.60
CA LEU A 9 -16.10 -5.04 -10.40
C LEU A 9 -16.77 -3.70 -10.18
N ARG A 10 -18.05 -3.56 -10.56
CA ARG A 10 -18.80 -2.33 -10.34
C ARG A 10 -19.25 -2.20 -8.90
N SER A 11 -19.11 -3.25 -8.09
CA SER A 11 -19.65 -3.30 -6.74
C SER A 11 -18.61 -3.03 -5.66
N LEU A 12 -17.36 -2.77 -6.03
CA LEU A 12 -16.30 -2.61 -5.05
C LEU A 12 -16.60 -1.48 -4.09
N ASP A 13 -16.34 -1.72 -2.81
CA ASP A 13 -16.57 -0.76 -1.74
CA ASP A 13 -16.57 -0.76 -1.75
C ASP A 13 -15.23 -0.35 -1.16
N TRP A 14 -14.84 0.90 -1.39
CA TRP A 14 -13.56 1.44 -0.91
C TRP A 14 -13.79 2.31 0.33
N THR A 15 -12.93 2.13 1.33
CA THR A 15 -12.96 2.89 2.58
C THR A 15 -11.69 3.73 2.68
N GLN A 16 -11.86 5.02 2.85
CA GLN A 16 -10.68 5.87 2.99
C GLN A 16 -10.08 5.66 4.37
N VAL A 17 -8.78 5.38 4.41
CA VAL A 17 -8.09 5.17 5.68
C VAL A 17 -7.26 6.39 6.07
N ILE A 18 -6.55 6.99 5.11
CA ILE A 18 -5.86 8.25 5.30
C ILE A 18 -5.97 9.00 3.97
N ALA A 19 -5.74 10.30 3.99
CA ALA A 19 -5.95 11.14 2.81
C ALA A 19 -5.51 10.46 1.53
N GLY A 20 -6.45 10.19 0.63
CA GLY A 20 -6.14 9.70 -0.70
C GLY A 20 -5.77 8.25 -0.77
N GLN A 21 -5.90 7.50 0.33
CA GLN A 21 -5.55 6.08 0.39
C GLN A 21 -6.76 5.31 0.88
N TYR A 22 -7.19 4.32 0.09
CA TYR A 22 -8.43 3.59 0.32
C TYR A 22 -8.11 2.11 0.38
N VAL A 23 -8.92 1.35 1.11
CA VAL A 23 -8.76 -0.09 1.19
C VAL A 23 -10.10 -0.75 0.88
N SER A 24 -10.01 -1.95 0.31
CA SER A 24 -11.16 -2.79 0.09
CA SER A 24 -11.16 -2.79 0.09
C SER A 24 -10.74 -4.23 0.33
N ASN A 25 -11.67 -5.06 0.81
CA ASN A 25 -11.40 -6.49 1.01
C ASN A 25 -12.49 -7.32 0.35
N PRO A 26 -12.62 -7.20 -0.96
CA PRO A 26 -13.58 -8.04 -1.69
C PRO A 26 -13.05 -9.47 -1.80
N ARG A 27 -13.98 -10.39 -1.95
CA ARG A 27 -13.66 -11.80 -2.06
C ARG A 27 -13.74 -12.19 -3.53
N PHE A 28 -12.59 -12.27 -4.19
CA PHE A 28 -12.57 -12.73 -5.57
C PHE A 28 -11.18 -13.26 -5.89
N ASN A 29 -11.11 -13.98 -7.01
CA ASN A 29 -9.86 -14.51 -7.53
C ASN A 29 -9.36 -13.58 -8.63
N ILE A 30 -8.09 -13.19 -8.53
CA ILE A 30 -7.51 -12.21 -9.46
C ILE A 30 -7.72 -12.63 -10.91
N SER A 31 -7.41 -13.88 -11.24
CA SER A 31 -7.44 -14.31 -12.63
C SER A 31 -8.84 -14.45 -13.18
N ASP A 32 -9.88 -14.36 -12.33
CA ASP A 32 -11.24 -14.39 -12.84
C ASP A 32 -11.61 -13.08 -13.54
N TYR A 33 -10.97 -11.98 -13.14
CA TYR A 33 -11.30 -10.63 -13.61
C TYR A 33 -10.18 -9.92 -14.34
N PHE A 34 -8.93 -10.36 -14.19
CA PHE A 34 -7.77 -9.66 -14.74
C PHE A 34 -6.89 -10.61 -15.54
N GLU A 35 -6.34 -10.06 -16.65
CA GLU A 35 -5.18 -10.64 -17.31
C GLU A 35 -3.95 -10.29 -16.49
N ILE A 36 -3.13 -11.28 -16.19
CA ILE A 36 -1.93 -11.06 -15.39
C ILE A 36 -0.75 -10.99 -16.36
N VAL A 37 -0.09 -9.83 -16.42
CA VAL A 37 1.02 -9.57 -17.35
C VAL A 37 2.29 -9.66 -16.50
N ARG A 38 2.93 -10.83 -16.57
CA ARG A 38 4.05 -11.14 -15.72
C ARG A 38 5.25 -10.27 -16.04
N GLN A 39 5.95 -9.87 -14.98
CA GLN A 39 7.12 -9.04 -15.07
C GLN A 39 8.35 -9.74 -14.53
N PRO A 40 9.53 -9.39 -15.04
CA PRO A 40 10.77 -10.03 -14.58
C PRO A 40 10.99 -9.82 -13.10
N GLY A 41 11.41 -10.88 -12.42
CA GLY A 41 11.72 -10.74 -11.02
C GLY A 41 13.12 -10.24 -10.79
N ASP A 42 13.44 -9.05 -11.30
CA ASP A 42 14.80 -8.51 -11.25
C ASP A 42 14.97 -7.40 -10.22
N GLY A 43 14.03 -7.24 -9.31
CA GLY A 43 14.08 -6.14 -8.37
C GLY A 43 13.52 -4.84 -8.89
N ASN A 44 13.23 -4.76 -10.19
CA ASN A 44 12.67 -3.55 -10.75
C ASN A 44 11.18 -3.74 -11.09
N CSD A 45 10.61 -4.88 -10.71
CA CSD A 45 9.28 -5.19 -11.23
CB CSD A 45 8.89 -6.65 -11.01
SG CSD A 45 9.37 -7.46 -9.58
C CSD A 45 8.09 -4.33 -10.79
O CSD A 45 7.09 -4.28 -11.48
OD1 CSD A 45 8.83 -6.60 -8.58
OD2 CSD A 45 11.01 -7.03 -9.36
H CSD A 45 10.98 -5.58 -10.10
HA CSD A 45 9.35 -5.02 -12.35
HB2 CSD A 45 9.24 -7.23 -11.90
HB3 CSD A 45 7.78 -6.69 -11.08
HD2 CSD A 45 11.24 -6.92 -8.44
N PHE A 46 8.22 -3.56 -9.72
CA PHE A 46 7.23 -2.54 -9.41
C PHE A 46 7.10 -1.55 -10.58
N TYR A 47 8.28 -1.09 -11.03
CA TYR A 47 8.37 -0.10 -12.07
C TYR A 47 8.12 -0.71 -13.45
N HIS A 48 8.54 -1.97 -13.68
CA HIS A 48 8.15 -2.68 -14.89
C HIS A 48 6.64 -2.74 -15.02
N SER A 49 5.97 -3.05 -13.91
CA SER A 49 4.53 -3.24 -13.93
C SER A 49 3.80 -1.93 -14.24
N ILE A 50 4.19 -0.83 -13.61
CA ILE A 50 3.63 0.47 -13.96
C ILE A 50 3.92 0.79 -15.43
N ALA A 51 5.13 0.50 -15.91
CA ALA A 51 5.43 0.79 -17.30
C ALA A 51 4.50 0.02 -18.25
N GLU A 52 4.30 -1.26 -17.98
CA GLU A 52 3.42 -2.06 -18.84
C GLU A 52 2.07 -1.41 -18.99
N LEU A 53 1.58 -0.72 -17.96
CA LEU A 53 0.22 -0.21 -17.96
C LEU A 53 0.12 1.26 -18.33
N THR A 54 1.24 1.95 -18.54
CA THR A 54 1.22 3.38 -18.83
C THR A 54 2.06 3.77 -20.02
N MET A 55 2.94 2.91 -20.52
CA MET A 55 3.86 3.28 -21.60
C MET A 55 3.58 2.40 -22.81
N PRO A 56 3.20 2.98 -23.93
CA PRO A 56 2.97 2.18 -25.12
C PRO A 56 4.27 1.54 -25.57
N ASN A 57 4.17 0.33 -26.12
CA ASN A 57 5.33 -0.30 -26.74
C ASN A 57 6.41 -0.53 -25.70
N LYS A 58 5.94 -0.97 -24.53
CA LYS A 58 6.78 -1.17 -23.36
C LYS A 58 7.79 -2.27 -23.61
N THR A 59 9.01 -2.05 -23.10
CA THR A 59 10.10 -3.01 -23.21
C THR A 59 10.65 -3.22 -21.80
N ASP A 60 11.69 -4.05 -21.71
CA ASP A 60 12.38 -4.28 -20.44
C ASP A 60 13.15 -3.05 -19.95
N HIS A 61 13.19 -1.97 -20.74
CA HIS A 61 13.89 -0.75 -20.34
C HIS A 61 12.96 0.43 -20.20
N SER A 62 11.64 0.23 -20.35
CA SER A 62 10.70 1.33 -20.14
C SER A 62 10.70 1.81 -18.70
N TYR A 63 11.04 0.92 -17.77
CA TYR A 63 10.94 1.28 -16.36
C TYR A 63 11.82 2.46 -15.98
N HIS A 64 12.90 2.75 -16.72
CA HIS A 64 13.75 3.89 -16.38
C HIS A 64 12.94 5.18 -16.35
N TYR A 65 12.03 5.34 -17.31
CA TYR A 65 11.18 6.52 -17.34
C TYR A 65 10.32 6.63 -16.09
N ILE A 66 9.71 5.51 -15.67
CA ILE A 66 8.89 5.51 -14.48
C ILE A 66 9.74 5.87 -13.27
N LYS A 67 10.99 5.39 -13.22
CA LYS A 67 11.82 5.75 -12.07
C LYS A 67 12.19 7.22 -12.08
N ARG A 68 12.36 7.83 -13.27
CA ARG A 68 12.57 9.26 -13.32
C ARG A 68 11.33 10.04 -12.90
N LEU A 69 10.13 9.56 -13.26
CA LEU A 69 8.91 10.15 -12.72
C LEU A 69 8.82 10.01 -11.21
N THR A 70 9.29 8.87 -10.68
CA THR A 70 9.31 8.67 -9.23
C THR A 70 10.23 9.67 -8.55
N GLU A 71 11.39 9.95 -9.15
CA GLU A 71 12.27 10.98 -8.62
C GLU A 71 11.58 12.35 -8.62
N SER A 72 10.92 12.70 -9.72
CA SER A 72 10.21 13.97 -9.77
CA SER A 72 10.21 13.97 -9.77
C SER A 72 9.11 14.02 -8.71
N ALA A 73 8.36 12.93 -8.59
CA ALA A 73 7.30 12.83 -7.59
C ALA A 73 7.86 12.99 -6.19
N ALA A 74 8.99 12.35 -5.90
CA ALA A 74 9.54 12.40 -4.56
C ALA A 74 10.02 13.81 -4.21
N ARG A 75 10.57 14.53 -5.16
CA ARG A 75 11.02 15.89 -4.86
C ARG A 75 9.84 16.77 -4.44
N LYS A 76 8.63 16.45 -4.92
CA LYS A 76 7.41 17.17 -4.55
C LYS A 76 6.77 16.65 -3.26
N TYR A 77 6.75 15.32 -3.08
CA TYR A 77 5.85 14.69 -2.14
C TYR A 77 6.50 13.88 -1.03
N TYR A 78 7.76 13.50 -1.15
CA TYR A 78 8.36 12.56 -0.21
C TYR A 78 8.29 13.06 1.23
N GLN A 79 8.64 14.34 1.44
CA GLN A 79 8.73 14.87 2.79
C GLN A 79 7.41 14.77 3.53
N GLU A 80 6.28 14.84 2.82
CA GLU A 80 4.96 14.81 3.44
C GLU A 80 4.25 13.46 3.34
N GLU A 81 4.85 12.47 2.67
CA GLU A 81 4.19 11.17 2.53
C GLU A 81 4.21 10.43 3.85
N PRO A 82 3.06 9.99 4.38
CA PRO A 82 3.11 9.26 5.66
C PRO A 82 3.97 8.01 5.60
N GLU A 83 3.95 7.27 4.49
CA GLU A 83 4.77 6.06 4.45
C GLU A 83 6.25 6.38 4.38
N ALA A 84 6.62 7.58 3.90
CA ALA A 84 8.03 7.96 3.91
C ALA A 84 8.60 8.00 5.32
N ARG A 85 7.75 8.14 6.33
CA ARG A 85 8.25 8.16 7.68
C ARG A 85 8.91 6.85 8.05
N LEU A 86 8.45 5.75 7.47
CA LEU A 86 9.01 4.44 7.76
C LEU A 86 10.36 4.23 7.07
N VAL A 87 10.65 5.03 6.05
CA VAL A 87 11.93 4.89 5.37
C VAL A 87 13.05 5.48 6.19
N GLY A 88 12.83 6.69 6.72
CA GLY A 88 13.76 7.29 7.63
C GLY A 88 14.96 7.93 7.00
N LEU A 89 14.95 8.12 5.69
CA LEU A 89 16.05 8.77 4.98
C LEU A 89 15.65 10.19 4.60
N SER A 90 16.63 11.07 4.50
CA SER A 90 16.38 12.36 3.87
C SER A 90 15.99 12.11 2.41
N LEU A 91 15.40 13.13 1.79
CA LEU A 91 15.04 13.03 0.38
C LEU A 91 16.23 12.59 -0.49
N GLU A 92 17.38 13.26 -0.36
CA GLU A 92 18.49 12.97 -1.25
C GLU A 92 19.03 11.56 -1.05
N ASP A 93 19.09 11.09 0.19
CA ASP A 93 19.54 9.73 0.43
C ASP A 93 18.51 8.72 -0.07
N TYR A 94 17.22 9.01 0.14
CA TYR A 94 16.18 8.18 -0.46
C TYR A 94 16.34 8.08 -1.97
N LEU A 95 16.55 9.22 -2.63
CA LEU A 95 16.63 9.21 -4.08
C LEU A 95 17.80 8.36 -4.57
N LYS A 96 18.95 8.46 -3.92
CA LYS A 96 20.11 7.68 -4.34
C LYS A 96 19.83 6.19 -4.27
N ARG A 97 19.14 5.73 -3.23
CA ARG A 97 18.81 4.32 -3.15
C ARG A 97 17.70 3.95 -4.14
N MET A 98 16.63 4.74 -4.18
CA MET A 98 15.50 4.43 -5.06
C MET A 98 15.94 4.26 -6.49
N LEU A 99 16.83 5.15 -6.96
CA LEU A 99 17.25 5.14 -8.35
C LEU A 99 18.25 4.05 -8.66
N SER A 100 18.78 3.37 -7.65
CA SER A 100 19.74 2.31 -7.91
C SER A 100 19.03 1.11 -8.51
N ASP A 101 19.74 0.41 -9.37
CA ASP A 101 19.13 -0.71 -10.04
C ASP A 101 18.79 -1.79 -9.04
N ASN A 102 17.67 -2.44 -9.29
CA ASN A 102 17.23 -3.61 -8.55
C ASN A 102 16.83 -3.28 -7.13
N GLU A 103 16.58 -2.00 -6.83
CA GLU A 103 16.02 -1.61 -5.53
C GLU A 103 14.49 -1.59 -5.59
N TRP A 104 13.86 -2.30 -4.65
CA TRP A 104 12.44 -2.62 -4.76
C TRP A 104 11.57 -1.37 -4.59
N GLY A 105 10.59 -1.22 -5.46
CA GLY A 105 9.54 -0.23 -5.31
C GLY A 105 8.45 -0.74 -4.37
N SER A 106 7.55 0.16 -4.02
CA SER A 106 6.62 -0.11 -2.92
C SER A 106 5.39 0.76 -3.01
N THR A 107 4.50 0.54 -2.03
CA THR A 107 3.34 1.39 -1.77
C THR A 107 3.72 2.85 -1.62
N LEU A 108 4.94 3.16 -1.15
CA LEU A 108 5.34 4.56 -1.06
C LEU A 108 5.42 5.18 -2.45
N GLU A 109 6.10 4.50 -3.37
CA GLU A 109 6.23 5.04 -4.72
C GLU A 109 4.90 5.05 -5.44
N ALA A 110 4.04 4.09 -5.16
CA ALA A 110 2.69 4.11 -5.72
C ALA A 110 1.95 5.40 -5.33
N SER A 111 2.00 5.75 -4.05
CA SER A 111 1.34 6.98 -3.61
C SER A 111 1.87 8.18 -4.35
N MET A 112 3.20 8.30 -4.45
CA MET A 112 3.77 9.49 -5.03
C MET A 112 3.53 9.54 -6.54
N LEU A 113 3.65 8.40 -7.22
CA LEU A 113 3.42 8.38 -8.67
C LEU A 113 1.99 8.66 -9.02
N ALA A 114 1.06 8.20 -8.21
CA ALA A 114 -0.34 8.49 -8.49
C ALA A 114 -0.55 10.00 -8.59
N LYS A 115 0.00 10.73 -7.65
CA LYS A 115 -0.11 12.19 -7.69
C LYS A 115 0.66 12.78 -8.85
N GLU A 116 1.85 12.26 -9.11
CA GLU A 116 2.73 12.88 -10.11
C GLU A 116 2.15 12.70 -11.51
N MET A 117 1.64 11.51 -11.79
CA MET A 117 1.12 11.14 -13.10
C MET A 117 -0.36 11.47 -13.26
N GLY A 118 -1.06 11.83 -12.18
CA GLY A 118 -2.47 12.12 -12.31
C GLY A 118 -3.30 10.90 -12.52
N ILE A 119 -2.91 9.78 -11.93
CA ILE A 119 -3.56 8.49 -12.14
C ILE A 119 -3.95 7.93 -10.78
N THR A 120 -4.80 6.90 -10.83
CA THR A 120 -5.12 6.10 -9.66
C THR A 120 -4.40 4.78 -9.78
N ILE A 121 -3.69 4.39 -8.73
CA ILE A 121 -3.00 3.10 -8.68
C ILE A 121 -3.66 2.23 -7.61
N ILE A 122 -4.02 1.00 -7.98
CA ILE A 122 -4.50 -0.01 -7.04
C ILE A 122 -3.48 -1.14 -6.97
N ILE A 123 -3.07 -1.48 -5.77
CA ILE A 123 -2.27 -2.67 -5.52
C ILE A 123 -3.17 -3.72 -4.90
N TRP A 124 -3.37 -4.82 -5.62
CA TRP A 124 -4.09 -5.98 -5.11
C TRP A 124 -3.06 -6.96 -4.54
N THR A 125 -3.26 -7.43 -3.33
CA THR A 125 -2.29 -8.34 -2.73
C THR A 125 -2.90 -9.71 -2.52
N VAL A 126 -2.11 -10.74 -2.86
CA VAL A 126 -2.45 -12.16 -2.69
C VAL A 126 -1.33 -12.85 -1.94
N ALA A 127 -1.64 -14.03 -1.39
CA ALA A 127 -0.70 -14.84 -0.63
C ALA A 127 -0.77 -16.29 -1.10
N ALA A 128 0.07 -16.66 -2.06
CA ALA A 128 0.17 -18.05 -2.50
C ALA A 128 -1.18 -18.60 -2.94
N SER A 129 -1.92 -17.80 -3.68
CA SER A 129 -3.28 -18.17 -4.06
C SER A 129 -3.75 -17.19 -5.12
N ASP A 130 -4.82 -17.56 -5.81
CA ASP A 130 -5.50 -16.60 -6.67
C ASP A 130 -6.37 -15.64 -5.87
N GLU A 131 -6.59 -15.93 -4.58
CA GLU A 131 -7.55 -15.20 -3.78
C GLU A 131 -7.00 -13.85 -3.31
N VAL A 132 -7.76 -12.80 -3.60
CA VAL A 132 -7.43 -11.46 -3.13
C VAL A 132 -7.53 -11.39 -1.61
N GLU A 133 -6.48 -10.86 -0.99
CA GLU A 133 -6.48 -10.55 0.43
C GLU A 133 -6.91 -9.11 0.70
N ALA A 134 -6.51 -8.18 -0.15
CA ALA A 134 -6.82 -6.77 -0.01
C ALA A 134 -6.52 -6.03 -1.30
N GLY A 135 -7.15 -4.88 -1.46
CA GLY A 135 -6.71 -3.87 -2.40
C GLY A 135 -6.43 -2.58 -1.66
N ILE A 136 -5.33 -1.92 -2.01
CA ILE A 136 -5.05 -0.59 -1.51
C ILE A 136 -4.97 0.34 -2.71
N LYS A 137 -5.67 1.46 -2.63
CA LYS A 137 -5.88 2.36 -3.77
C LYS A 137 -5.36 3.74 -3.43
N PHE A 138 -4.52 4.27 -4.32
CA PHE A 138 -3.94 5.60 -4.21
C PHE A 138 -4.59 6.46 -5.29
N GLY A 139 -5.42 7.41 -4.87
CA GLY A 139 -6.20 8.22 -5.78
C GLY A 139 -7.67 7.84 -5.75
N ASP A 140 -8.48 8.70 -6.38
CA ASP A 140 -9.94 8.62 -6.23
CA ASP A 140 -9.94 8.63 -6.23
C ASP A 140 -10.63 7.97 -7.40
N GLY A 141 -9.90 7.44 -8.37
CA GLY A 141 -10.54 6.77 -9.49
C GLY A 141 -11.01 5.37 -9.15
N ASP A 142 -11.75 4.76 -10.07
CA ASP A 142 -12.27 3.42 -9.85
C ASP A 142 -11.41 2.39 -10.58
N VAL A 143 -11.73 1.12 -10.34
CA VAL A 143 -10.91 0.04 -10.87
C VAL A 143 -10.81 0.10 -12.40
N PHE A 144 -11.84 0.64 -13.07
CA PHE A 144 -11.87 0.69 -14.54
C PHE A 144 -10.97 1.77 -15.10
N THR A 145 -10.60 2.78 -14.33
CA THR A 145 -9.63 3.76 -14.81
C THR A 145 -8.27 3.63 -14.17
N ALA A 146 -8.13 2.80 -13.14
CA ALA A 146 -6.89 2.69 -12.40
C ALA A 146 -5.85 1.86 -13.15
N VAL A 147 -4.60 2.08 -12.73
CA VAL A 147 -3.49 1.16 -12.96
C VAL A 147 -3.52 0.11 -11.87
N ASN A 148 -3.80 -1.13 -12.22
CA ASN A 148 -3.97 -2.23 -11.29
C ASN A 148 -2.70 -3.06 -11.27
N LEU A 149 -2.07 -3.16 -10.11
CA LEU A 149 -0.90 -3.99 -9.86
C LEU A 149 -1.24 -5.18 -8.98
N LEU A 150 -0.53 -6.27 -9.19
CA LEU A 150 -0.60 -7.48 -8.38
C LEU A 150 0.66 -7.60 -7.56
N HIS A 151 0.50 -7.60 -6.25
CA HIS A 151 1.59 -7.84 -5.33
C HIS A 151 1.45 -9.25 -4.82
N SER A 152 2.50 -10.04 -5.00
CA SER A 152 2.52 -11.41 -4.56
C SER A 152 3.84 -11.69 -3.87
N GLY A 153 3.79 -12.57 -2.88
CA GLY A 153 4.98 -12.86 -2.09
C GLY A 153 5.34 -11.65 -1.25
N GLN A 154 6.65 -11.41 -1.14
CA GLN A 154 7.13 -10.31 -0.32
C GLN A 154 7.29 -9.02 -1.12
N THR A 155 7.93 -9.09 -2.28
CA THR A 155 8.24 -7.88 -3.02
C THR A 155 7.93 -7.96 -4.52
N HIS A 156 7.22 -8.99 -4.99
CA HIS A 156 7.01 -9.13 -6.43
C HIS A 156 5.73 -8.41 -6.88
N PHE A 157 5.87 -7.69 -7.97
CA PHE A 157 4.78 -7.01 -8.62
C PHE A 157 4.65 -7.47 -10.06
N ASP A 158 3.41 -7.67 -10.49
CA ASP A 158 3.03 -7.83 -11.89
C ASP A 158 1.96 -6.81 -12.24
N ALA A 159 1.68 -6.69 -13.52
CA ALA A 159 0.66 -5.79 -14.05
C ALA A 159 -0.62 -6.57 -14.29
N LEU A 160 -1.74 -5.88 -14.10
CA LEU A 160 -3.06 -6.45 -14.35
C LEU A 160 -3.83 -5.60 -15.35
N ARG A 161 -4.61 -6.26 -16.21
CA ARG A 161 -5.54 -5.60 -17.11
C ARG A 161 -6.91 -6.24 -16.94
N ILE A 162 -7.95 -5.42 -16.79
CA ILE A 162 -9.32 -5.95 -16.71
C ILE A 162 -9.63 -6.76 -17.96
N LEU A 163 -10.22 -7.94 -17.78
CA LEU A 163 -10.59 -8.76 -18.92
C LEU A 163 -11.75 -8.11 -19.67
N PRO A 164 -11.78 -8.23 -21.00
CA PRO A 164 -12.74 -7.43 -21.79
C PRO A 164 -14.20 -7.71 -21.44
N GLN A 165 -14.53 -8.95 -21.10
CA GLN A 165 -15.92 -9.27 -20.86
C GLN A 165 -16.54 -8.53 -19.67
N PHE A 166 -15.74 -7.84 -18.84
CA PHE A 166 -16.24 -7.10 -17.69
C PHE A 166 -16.37 -5.60 -17.94
N GLU A 167 -16.09 -5.16 -19.17
CA GLU A 167 -16.23 -3.74 -19.52
C GLU A 167 -17.64 -3.43 -20.00
N ASP B 26 -4.88 0.23 34.75
CA ASP B 26 -5.32 1.11 33.63
C ASP B 26 -5.50 0.34 32.33
N LYS B 27 -5.58 -0.99 32.42
CA LYS B 27 -5.68 -1.81 31.21
C LYS B 27 -6.99 -1.53 30.48
N MET B 28 -6.91 -1.52 29.16
CA MET B 28 -8.09 -1.35 28.32
C MET B 28 -7.88 -2.13 27.02
N GLN B 29 -8.91 -2.15 26.18
CA GLN B 29 -8.75 -2.75 24.86
C GLN B 29 -9.00 -1.75 23.74
N ILE B 30 -8.35 -1.99 22.61
CA ILE B 30 -8.64 -1.26 21.38
C ILE B 30 -8.78 -2.30 20.28
N PHE B 31 -9.42 -1.90 19.20
CA PHE B 31 -9.64 -2.77 18.05
C PHE B 31 -8.82 -2.28 16.87
N VAL B 32 -8.16 -3.20 16.19
CA VAL B 32 -7.31 -2.85 15.06
C VAL B 32 -7.78 -3.66 13.86
N LYS B 33 -8.19 -2.97 12.80
CA LYS B 33 -8.58 -3.63 11.56
C LYS B 33 -7.37 -3.63 10.64
N THR B 34 -6.97 -4.81 10.16
CA THR B 34 -5.78 -4.91 9.35
C THR B 34 -6.08 -4.67 7.87
N LEU B 35 -5.01 -4.46 7.13
CA LEU B 35 -5.13 -4.27 5.68
C LEU B 35 -5.87 -5.42 5.02
N THR B 36 -5.68 -6.64 5.51
CA THR B 36 -6.33 -7.81 4.94
C THR B 36 -7.71 -8.08 5.52
N GLY B 37 -8.23 -7.18 6.35
CA GLY B 37 -9.62 -7.23 6.77
C GLY B 37 -9.90 -7.93 8.08
N LYS B 38 -8.88 -8.34 8.80
CA LYS B 38 -9.07 -9.00 10.08
C LYS B 38 -9.18 -7.95 11.18
N THR B 39 -10.08 -8.18 12.13
CA THR B 39 -10.18 -7.32 13.30
C THR B 39 -9.56 -8.04 14.49
N ILE B 40 -8.55 -7.40 15.08
CA ILE B 40 -7.88 -7.99 16.25
C ILE B 40 -8.11 -7.09 17.45
N THR B 41 -8.08 -7.69 18.62
CA THR B 41 -8.27 -6.98 19.88
C THR B 41 -6.95 -6.92 20.61
N LEU B 42 -6.55 -5.73 21.03
CA LEU B 42 -5.28 -5.53 21.74
C LEU B 42 -5.54 -5.11 23.16
N GLU B 43 -4.73 -5.65 24.09
CA GLU B 43 -4.72 -5.24 25.48
C GLU B 43 -3.64 -4.17 25.65
N VAL B 44 -4.05 -2.96 26.03
CA VAL B 44 -3.15 -1.81 26.03
C VAL B 44 -3.45 -0.98 27.26
N GLU B 45 -2.58 0.00 27.50
CA GLU B 45 -2.75 1.02 28.52
C GLU B 45 -2.62 2.39 27.87
N PRO B 46 -3.23 3.43 28.45
CA PRO B 46 -3.14 4.76 27.81
C PRO B 46 -1.71 5.24 27.67
N SER B 47 -0.83 4.85 28.59
CA SER B 47 0.58 5.23 28.54
C SER B 47 1.40 4.38 27.59
N ASP B 48 0.80 3.38 26.95
CA ASP B 48 1.55 2.61 25.97
C ASP B 48 1.97 3.51 24.81
N THR B 49 3.22 3.35 24.39
CA THR B 49 3.66 4.08 23.21
C THR B 49 3.19 3.37 21.95
N ILE B 50 3.26 4.10 20.82
CA ILE B 50 2.97 3.49 19.54
C ILE B 50 3.92 2.33 19.26
N GLU B 51 5.20 2.47 19.60
CA GLU B 51 6.11 1.35 19.44
C GLU B 51 5.68 0.14 20.26
N ASN B 52 5.19 0.38 21.50
CA ASN B 52 4.70 -0.73 22.31
C ASN B 52 3.53 -1.42 21.62
N VAL B 53 2.62 -0.63 21.05
CA VAL B 53 1.47 -1.21 20.37
C VAL B 53 1.92 -2.00 19.14
N LYS B 54 2.87 -1.47 18.38
CA LYS B 54 3.41 -2.20 17.21
C LYS B 54 4.04 -3.54 17.64
N ALA B 55 4.72 -3.56 18.79
CA ALA B 55 5.27 -4.81 19.30
C ALA B 55 4.15 -5.81 19.62
N LYS B 56 3.07 -5.34 20.25
CA LYS B 56 1.94 -6.24 20.50
C LYS B 56 1.38 -6.78 19.20
N ILE B 57 1.32 -5.94 18.17
CA ILE B 57 0.82 -6.39 16.88
C ILE B 57 1.75 -7.42 16.26
N GLN B 58 3.06 -7.24 16.42
CA GLN B 58 4.01 -8.22 15.89
C GLN B 58 3.82 -9.57 16.56
N ASP B 59 3.61 -9.57 17.88
CA ASP B 59 3.39 -10.83 18.59
C ASP B 59 2.19 -11.58 18.02
N LYS B 60 1.13 -10.86 17.67
CA LYS B 60 -0.13 -11.49 17.28
C LYS B 60 -0.20 -11.82 15.79
N GLU B 61 0.33 -10.93 14.94
CA GLU B 61 0.23 -11.07 13.50
C GLU B 61 1.56 -11.24 12.80
N GLY B 62 2.68 -11.12 13.50
CA GLY B 62 3.98 -11.35 12.92
C GLY B 62 4.51 -10.27 12.00
N ILE B 63 3.85 -9.11 11.94
CA ILE B 63 4.29 -8.03 11.05
C ILE B 63 5.39 -7.24 11.73
N PRO B 64 6.56 -7.05 11.13
CA PRO B 64 7.61 -6.29 11.77
C PRO B 64 7.17 -4.86 12.05
N PRO B 65 7.48 -4.32 13.23
CA PRO B 65 7.06 -2.94 13.53
C PRO B 65 7.50 -1.91 12.51
N ASP B 66 8.70 -2.04 11.92
CA ASP B 66 9.16 -1.04 10.97
CA ASP B 66 9.16 -1.04 10.97
C ASP B 66 8.39 -1.07 9.67
N GLN B 67 7.55 -2.10 9.45
CA GLN B 67 6.67 -2.17 8.30
C GLN B 67 5.26 -1.67 8.58
N GLN B 68 4.92 -1.40 9.85
CA GLN B 68 3.55 -1.14 10.24
C GLN B 68 3.21 0.34 10.11
N ARG B 69 1.97 0.59 9.67
CA ARG B 69 1.41 1.94 9.54
C ARG B 69 0.12 1.91 10.35
N LEU B 70 0.21 2.39 11.60
CA LEU B 70 -0.93 2.37 12.50
C LEU B 70 -1.65 3.70 12.40
N ILE B 71 -2.98 3.66 12.20
CA ILE B 71 -3.76 4.82 11.81
C ILE B 71 -4.97 4.97 12.72
N PHE B 72 -5.25 6.22 13.14
CA PHE B 72 -6.44 6.52 13.93
C PHE B 72 -7.03 7.82 13.40
N ALA B 73 -8.30 7.76 13.00
CA ALA B 73 -9.07 8.96 12.63
C ALA B 73 -8.34 9.78 11.58
N GLY B 74 -7.80 9.08 10.58
CA GLY B 74 -7.16 9.74 9.46
C GLY B 74 -5.71 10.14 9.67
N LYS B 75 -5.11 9.83 10.81
CA LYS B 75 -3.74 10.21 11.13
C LYS B 75 -2.88 8.96 11.32
N GLN B 76 -1.73 8.93 10.66
CA GLN B 76 -0.77 7.86 10.90
C GLN B 76 0.00 8.20 12.17
N LEU B 77 -0.08 7.29 13.15
CA LEU B 77 0.48 7.51 14.48
C LEU B 77 2.00 7.38 14.45
N GLU B 78 2.65 8.17 15.29
CA GLU B 78 4.10 8.27 15.30
C GLU B 78 4.71 7.58 16.51
N ASP B 79 5.80 6.85 16.25
CA ASP B 79 6.63 6.36 17.33
C ASP B 79 7.03 7.51 18.26
N GLY B 80 7.10 7.22 19.56
CA GLY B 80 7.44 8.21 20.54
C GLY B 80 6.26 8.89 21.18
N ARG B 81 5.05 8.68 20.68
CA ARG B 81 3.84 9.20 21.27
C ARG B 81 3.10 8.06 21.95
N THR B 82 2.19 8.43 22.85
CA THR B 82 1.32 7.46 23.52
C THR B 82 -0.08 7.50 22.94
N LEU B 83 -0.84 6.45 23.27
CA LEU B 83 -2.25 6.41 22.88
C LEU B 83 -2.99 7.63 23.45
N SER B 84 -2.63 8.05 24.65
CA SER B 84 -3.25 9.23 25.27
C SER B 84 -3.10 10.48 24.40
N ASP B 85 -1.92 10.67 23.80
CA ASP B 85 -1.68 11.88 23.02
C ASP B 85 -2.67 12.00 21.87
N TYR B 86 -3.12 10.89 21.33
CA TYR B 86 -4.00 10.87 20.18
C TYR B 86 -5.47 10.78 20.58
N ASN B 87 -5.77 10.91 21.86
CA ASN B 87 -7.15 10.80 22.36
C ASN B 87 -7.75 9.45 21.99
N ILE B 88 -6.91 8.41 22.08
CA ILE B 88 -7.34 7.04 21.80
C ILE B 88 -7.80 6.46 23.13
N ARG B 89 -9.12 6.38 23.28
CA ARG B 89 -9.77 5.89 24.49
C ARG B 89 -10.12 4.41 24.33
N LYS B 90 -10.64 3.82 25.41
CA LYS B 90 -11.05 2.43 25.35
C LYS B 90 -12.06 2.20 24.22
N GLN B 91 -11.96 1.03 23.59
CA GLN B 91 -12.82 0.61 22.50
C GLN B 91 -12.66 1.45 21.24
N SER B 92 -11.58 2.22 21.11
CA SER B 92 -11.29 2.90 19.86
C SER B 92 -11.04 1.89 18.76
N ASN B 93 -11.35 2.30 17.54
CA ASN B 93 -11.10 1.51 16.35
C ASN B 93 -9.97 2.14 15.56
N LEU B 94 -8.92 1.37 15.31
CA LEU B 94 -7.75 1.79 14.56
C LEU B 94 -7.66 0.95 13.30
N TYR B 95 -6.85 1.43 12.36
CA TYR B 95 -6.47 0.69 11.17
C TYR B 95 -4.99 0.35 11.22
N LEU B 96 -4.62 -0.82 10.71
CA LEU B 96 -3.23 -1.19 10.52
C LEU B 96 -3.02 -1.46 9.04
N LEU B 97 -2.30 -0.58 8.38
CA LEU B 97 -1.73 -0.88 7.07
C LEU B 97 -0.28 -1.30 7.25
N TRP B 98 0.34 -1.73 6.14
CA TRP B 98 1.77 -1.97 6.16
C TRP B 98 2.27 -1.74 4.75
N ARG B 99 3.59 -1.62 4.65
CA ARG B 99 4.24 -1.49 3.35
C ARG B 99 4.09 -2.75 2.54
N LEU B 100 3.84 -2.58 1.24
CA LEU B 100 3.89 -3.66 0.27
C LEU B 100 5.09 -3.39 -0.62
N GLY B 101 6.06 -4.28 -0.60
CA GLY B 101 7.30 -4.06 -1.31
C GLY B 101 8.26 -3.21 -0.49
N GLY B 102 9.35 -2.82 -1.13
CA GLY B 102 10.31 -1.91 -0.54
C GLY B 102 11.44 -2.64 0.15
N TRP B 103 12.48 -1.87 0.47
CA TRP B 103 13.65 -2.42 1.18
C TRP B 103 13.50 -2.21 2.68
N LYS B 104 14.28 -2.96 3.47
NA NA C . 2.09 4.95 0.72
ZN ZN D . 17.94 -0.15 -19.44
N1 EPE E . 10.33 4.52 12.24
C2 EPE E . 10.27 3.28 11.47
C3 EPE E . 11.65 2.84 10.97
N4 EPE E . 12.61 3.90 10.71
C5 EPE E . 12.44 5.20 11.31
C6 EPE E . 10.98 5.56 11.45
C7 EPE E . 13.98 3.55 10.35
C8 EPE E . 14.08 2.71 9.09
O8 EPE E . 14.07 1.34 9.42
C9 EPE E . 9.00 4.95 12.73
C10 EPE E . 8.24 5.85 11.76
S EPE E . 6.62 6.29 12.41
O1S EPE E . 5.62 5.43 11.80
O2S EPE E . 6.31 7.69 12.13
O3S EPE E . 6.65 6.11 13.86
H21 EPE E . 9.61 3.43 10.61
H22 EPE E . 9.84 2.49 12.08
H31 EPE E . 11.52 2.26 10.05
H32 EPE E . 12.08 2.17 11.71
H51 EPE E . 12.95 5.95 10.72
H52 EPE E . 12.91 5.20 12.31
H61 EPE E . 10.53 5.61 10.46
H62 EPE E . 10.87 6.53 11.94
H71 EPE E . 14.42 2.99 11.18
H72 EPE E . 14.57 4.46 10.22
H81 EPE E . 15.01 2.96 8.57
H82 EPE E . 13.25 2.94 8.43
HO8 EPE E . 14.00 1.23 10.39
H91 EPE E . 8.40 4.06 12.93
H92 EPE E . 9.13 5.47 13.69
H101 EPE E . 8.82 6.77 11.60
H102 EPE E . 8.13 5.35 10.80
#